data_2RJM
#
_entry.id   2RJM
#
_cell.length_a   85.280
_cell.length_b   86.480
_cell.length_c   44.410
_cell.angle_alpha   90.000
_cell.angle_beta   104.940
_cell.angle_gamma   90.000
#
_symmetry.space_group_name_H-M   'C 1 2 1'
#
loop_
_entity.id
_entity.type
_entity.pdbx_description
1 polymer Titin
2 water water
#
_entity_poly.entity_id   1
_entity_poly.type   'polypeptide(L)'
_entity_poly.pdbx_seq_one_letter_code
;GAMAPPFFDLKPVSVDLALGESGTFKCHVTGTAPIKITWAKDNREIRPGGNYKMTLVENTATLTVLKVTKGDAGQYTCYA
SNVAGKDSCSAQLGVQAPPRFIKKLEPSRIVKQDEHTRYECKIGGSPEIKVLWYKDETEIQESSKFRMSFVESVAVLEMY
NLSVEDSGDYTCEAHNAAGSASSSTSLKVKEPPVFRKKPHPVETLKGADVHLECELQGTPPFQVSWHKDKRELRSGKKYK
IMSENFLTSIHILNVDSADIGEYQCKASNDVGSYTCVGSITLKA
;
_entity_poly.pdbx_strand_id   A
#
# COMPACT_ATOMS: atom_id res chain seq x y z
N ALA A 2 -23.88 -27.60 57.07
CA ALA A 2 -24.08 -26.28 56.41
C ALA A 2 -23.48 -25.24 57.30
N MET A 3 -23.10 -24.09 56.74
CA MET A 3 -22.92 -22.87 57.52
C MET A 3 -22.24 -21.66 56.85
N ALA A 4 -21.13 -21.80 56.12
CA ALA A 4 -20.63 -20.64 55.32
C ALA A 4 -20.99 -20.69 53.83
N PRO A 5 -21.69 -19.65 53.34
CA PRO A 5 -22.13 -19.65 51.95
C PRO A 5 -20.92 -19.50 51.02
N PRO A 6 -21.07 -19.78 49.72
CA PRO A 6 -19.88 -19.60 48.86
C PRO A 6 -19.49 -18.15 48.77
N PHE A 7 -18.20 -17.95 48.59
CA PHE A 7 -17.66 -16.64 48.34
C PHE A 7 -16.47 -16.78 47.39
N PHE A 8 -16.53 -16.11 46.23
CA PHE A 8 -15.41 -16.15 45.28
C PHE A 8 -14.28 -15.28 45.79
N ASP A 9 -13.21 -15.84 46.32
CA ASP A 9 -12.20 -14.94 46.82
C ASP A 9 -11.15 -14.58 45.77
N LEU A 10 -11.24 -15.20 44.60
CA LEU A 10 -10.49 -14.77 43.42
C LEU A 10 -11.48 -14.77 42.28
N LYS A 11 -11.58 -13.63 41.60
CA LYS A 11 -12.48 -13.48 40.45
C LYS A 11 -11.72 -13.57 39.12
N PRO A 12 -12.44 -13.96 38.07
CA PRO A 12 -11.81 -14.09 36.77
C PRO A 12 -11.60 -12.70 36.15
N VAL A 13 -10.69 -12.67 35.20
CA VAL A 13 -10.20 -11.45 34.58
C VAL A 13 -10.71 -11.43 33.12
N SER A 14 -11.38 -10.35 32.76
CA SER A 14 -11.82 -10.16 31.39
C SER A 14 -10.62 -10.21 30.43
N VAL A 15 -10.82 -10.77 29.24
CA VAL A 15 -9.75 -10.88 28.27
C VAL A 15 -10.26 -10.66 26.84
N ASP A 16 -9.37 -10.24 25.93
CA ASP A 16 -9.68 -10.18 24.50
C ASP A 16 -8.84 -11.25 23.87
N LEU A 17 -9.44 -12.12 23.08
CA LEU A 17 -8.65 -13.17 22.44
C LEU A 17 -8.78 -13.12 20.94
N ALA A 18 -7.70 -13.48 20.23
CA ALA A 18 -7.75 -13.58 18.79
C ALA A 18 -8.54 -14.81 18.30
N LEU A 19 -9.42 -14.63 17.29
CA LEU A 19 -10.02 -15.80 16.60
C LEU A 19 -8.98 -16.89 16.45
N GLY A 20 -9.38 -18.13 16.68
CA GLY A 20 -8.46 -19.24 16.53
C GLY A 20 -7.68 -19.60 17.78
N GLU A 21 -7.48 -18.65 18.68
CA GLU A 21 -6.66 -18.92 19.85
C GLU A 21 -7.50 -19.53 20.94
N SER A 22 -6.98 -19.58 22.15
CA SER A 22 -7.75 -20.13 23.26
C SER A 22 -7.33 -19.31 24.48
N GLY A 23 -8.14 -19.38 25.53
CA GLY A 23 -7.73 -18.80 26.81
C GLY A 23 -8.64 -19.35 27.88
N THR A 24 -8.32 -18.99 29.13
CA THR A 24 -8.89 -19.59 30.33
C THR A 24 -9.29 -18.54 31.34
N PHE A 25 -10.51 -18.68 31.87
CA PHE A 25 -10.96 -17.93 33.09
C PHE A 25 -10.76 -18.79 34.31
N LYS A 26 -10.37 -18.17 35.41
CA LYS A 26 -10.02 -18.86 36.60
C LYS A 26 -10.54 -18.09 37.78
N CYS A 27 -11.16 -18.79 38.73
CA CYS A 27 -11.57 -18.20 39.97
C CYS A 27 -11.46 -19.19 41.12
N HIS A 28 -11.58 -18.69 42.34
CA HIS A 28 -11.43 -19.54 43.51
C HIS A 28 -12.59 -19.21 44.42
N VAL A 29 -13.20 -20.23 44.98
CA VAL A 29 -14.29 -20.07 45.90
C VAL A 29 -13.98 -20.63 47.28
N THR A 30 -14.61 -20.03 48.30
CA THR A 30 -14.60 -20.57 49.65
C THR A 30 -16.01 -20.79 50.14
N GLY A 31 -16.13 -21.55 51.22
CA GLY A 31 -17.44 -21.78 51.82
C GLY A 31 -17.60 -23.22 52.20
N THR A 32 -18.75 -23.58 52.81
CA THR A 32 -18.91 -24.95 53.26
C THR A 32 -19.11 -25.90 52.09
N ALA A 33 -18.34 -26.98 52.08
CA ALA A 33 -18.44 -27.97 51.04
C ALA A 33 -19.62 -28.94 51.25
N PRO A 34 -20.16 -29.50 50.17
CA PRO A 34 -19.70 -29.24 48.77
C PRO A 34 -20.26 -27.95 48.16
N ILE A 35 -19.46 -27.25 47.38
CA ILE A 35 -19.98 -26.11 46.64
C ILE A 35 -20.18 -26.58 45.18
N LYS A 36 -21.40 -26.49 44.68
CA LYS A 36 -21.68 -26.76 43.28
C LYS A 36 -21.26 -25.57 42.42
N ILE A 37 -20.60 -25.87 41.31
CA ILE A 37 -20.09 -24.87 40.38
C ILE A 37 -20.74 -25.09 39.03
N THR A 38 -21.36 -24.03 38.49
CA THR A 38 -21.80 -24.06 37.10
C THR A 38 -21.31 -22.81 36.38
N TRP A 39 -21.15 -22.91 35.07
CA TRP A 39 -20.82 -21.72 34.31
C TRP A 39 -21.95 -21.39 33.33
N ALA A 40 -21.98 -20.13 32.92
CA ALA A 40 -22.95 -19.65 31.92
C ALA A 40 -22.23 -18.66 30.96
N LYS A 41 -22.63 -18.68 29.69
CA LYS A 41 -22.16 -17.69 28.73
C LYS A 41 -23.39 -16.92 28.27
N ASP A 42 -23.40 -15.62 28.51
CA ASP A 42 -24.57 -14.81 28.23
C ASP A 42 -25.80 -15.50 28.82
N ASN A 43 -25.67 -15.94 30.06
CA ASN A 43 -26.76 -16.62 30.82
C ASN A 43 -27.05 -18.08 30.47
N ARG A 44 -26.55 -18.59 29.33
CA ARG A 44 -26.83 -19.94 28.89
C ARG A 44 -25.90 -20.89 29.60
N GLU A 45 -26.44 -21.90 30.29
CA GLU A 45 -25.59 -22.89 30.94
C GLU A 45 -24.60 -23.49 29.99
N ILE A 46 -23.34 -23.55 30.42
CA ILE A 46 -22.29 -24.16 29.64
C ILE A 46 -22.22 -25.67 29.91
N ARG A 47 -22.34 -26.45 28.84
CA ARG A 47 -22.34 -27.91 28.92
C ARG A 47 -21.01 -28.47 28.40
N PRO A 48 -20.54 -29.60 28.97
CA PRO A 48 -19.28 -30.16 28.47
C PRO A 48 -19.40 -30.74 27.05
N GLY A 49 -18.27 -30.87 26.37
CA GLY A 49 -18.19 -31.53 25.07
C GLY A 49 -18.15 -30.63 23.86
N GLY A 50 -18.15 -29.31 24.07
CA GLY A 50 -18.07 -28.38 22.96
C GLY A 50 -16.74 -27.64 22.93
N ASN A 51 -16.82 -26.34 22.69
CA ASN A 51 -15.65 -25.46 22.66
C ASN A 51 -15.20 -24.97 24.06
N TYR A 52 -15.91 -25.36 25.12
CA TYR A 52 -15.63 -24.93 26.50
C TYR A 52 -15.30 -26.10 27.43
N LYS A 53 -14.13 -26.04 28.07
CA LYS A 53 -13.70 -27.12 28.92
C LYS A 53 -13.53 -26.65 30.35
N MET A 54 -14.28 -27.25 31.26
CA MET A 54 -14.34 -26.78 32.62
C MET A 54 -13.56 -27.70 33.53
N THR A 55 -12.85 -27.13 34.50
CA THR A 55 -12.25 -27.95 35.52
C THR A 55 -12.56 -27.36 36.88
N LEU A 56 -12.62 -28.23 37.88
CA LEU A 56 -12.88 -27.80 39.22
C LEU A 56 -12.00 -28.66 40.03
N VAL A 57 -10.93 -28.07 40.55
CA VAL A 57 -10.09 -28.84 41.44
C VAL A 57 -9.90 -28.08 42.74
N GLU A 58 -10.36 -28.69 43.81
CA GLU A 58 -10.24 -28.14 45.17
C GLU A 58 -10.60 -26.67 45.21
N ASN A 59 -11.82 -26.35 44.82
CA ASN A 59 -12.28 -24.96 44.87
C ASN A 59 -11.67 -23.94 43.87
N THR A 60 -10.78 -24.38 42.98
CA THR A 60 -10.34 -23.57 41.82
C THR A 60 -11.16 -23.99 40.62
N ALA A 61 -11.92 -23.05 40.03
CA ALA A 61 -12.76 -23.41 38.91
C ALA A 61 -12.14 -22.76 37.69
N THR A 62 -12.06 -23.50 36.58
CA THR A 62 -11.58 -22.88 35.35
C THR A 62 -12.51 -23.13 34.18
N LEU A 63 -12.52 -22.20 33.24
CA LEU A 63 -13.20 -22.43 31.98
C LEU A 63 -12.24 -22.04 30.85
N THR A 64 -11.95 -22.97 29.94
CA THR A 64 -11.09 -22.74 28.78
C THR A 64 -11.91 -22.76 27.52
N VAL A 65 -11.75 -21.71 26.72
CA VAL A 65 -12.42 -21.61 25.42
C VAL A 65 -11.36 -22.22 24.50
N LEU A 66 -11.67 -23.36 23.88
CA LEU A 66 -10.66 -24.17 23.22
C LEU A 66 -10.18 -23.58 21.91
N LYS A 67 -11.09 -23.16 21.06
CA LYS A 67 -10.68 -22.49 19.83
C LYS A 67 -11.63 -21.35 19.67
N VAL A 68 -11.13 -20.12 19.80
CA VAL A 68 -12.03 -18.97 19.82
C VAL A 68 -12.69 -18.72 18.48
N THR A 69 -14.03 -18.60 18.45
CA THR A 69 -14.75 -18.17 17.27
C THR A 69 -15.46 -16.86 17.60
N LYS A 70 -15.94 -16.12 16.59
CA LYS A 70 -16.65 -14.86 16.88
C LYS A 70 -17.81 -15.09 17.86
N GLY A 71 -18.41 -16.28 17.81
CA GLY A 71 -19.63 -16.57 18.58
C GLY A 71 -19.33 -16.61 20.07
N ASP A 72 -18.04 -16.65 20.41
CA ASP A 72 -17.67 -16.87 21.79
C ASP A 72 -17.64 -15.57 22.59
N ALA A 73 -17.68 -14.43 21.92
CA ALA A 73 -17.66 -13.14 22.63
C ALA A 73 -18.85 -13.16 23.57
N GLY A 74 -18.67 -12.64 24.78
CA GLY A 74 -19.84 -12.36 25.65
C GLY A 74 -19.38 -12.49 27.10
N GLN A 75 -20.35 -12.51 28.02
CA GLN A 75 -20.05 -12.55 29.46
C GLN A 75 -20.02 -13.95 29.96
N TYR A 76 -18.90 -14.38 30.56
CA TYR A 76 -18.81 -15.68 31.22
C TYR A 76 -18.98 -15.55 32.74
N THR A 77 -19.91 -16.31 33.29
CA THR A 77 -20.26 -16.23 34.72
C THR A 77 -20.11 -17.56 35.37
N CYS A 78 -19.36 -17.57 36.49
CA CYS A 78 -19.21 -18.77 37.31
C CYS A 78 -20.19 -18.65 38.49
N TYR A 79 -21.10 -19.61 38.61
CA TYR A 79 -22.03 -19.67 39.76
C TYR A 79 -21.52 -20.67 40.78
N ALA A 80 -21.58 -20.33 42.08
CA ALA A 80 -21.34 -21.27 43.15
C ALA A 80 -22.57 -21.39 44.06
N SER A 81 -22.90 -22.58 44.54
CA SER A 81 -23.99 -22.72 45.49
C SER A 81 -23.72 -23.84 46.48
N ASN A 82 -24.14 -23.65 47.72
CA ASN A 82 -24.13 -24.77 48.68
C ASN A 82 -25.39 -24.63 49.53
N VAL A 83 -25.49 -25.39 50.59
CA VAL A 83 -26.70 -25.34 51.40
C VAL A 83 -26.89 -23.95 51.98
N ALA A 84 -25.81 -23.25 52.27
CA ALA A 84 -25.92 -21.95 52.94
C ALA A 84 -26.26 -20.76 52.02
N GLY A 85 -26.01 -20.88 50.73
CA GLY A 85 -26.13 -19.73 49.87
C GLY A 85 -25.48 -19.88 48.52
N LYS A 86 -25.18 -18.73 47.93
CA LYS A 86 -24.78 -18.65 46.54
C LYS A 86 -23.84 -17.49 46.35
N ASP A 87 -22.91 -17.63 45.40
CA ASP A 87 -22.18 -16.46 44.87
C ASP A 87 -22.07 -16.61 43.35
N SER A 88 -21.67 -15.54 42.67
CA SER A 88 -21.29 -15.70 41.28
C SER A 88 -20.27 -14.65 40.93
N CYS A 89 -19.50 -14.86 39.85
CA CYS A 89 -18.55 -13.83 39.39
C CYS A 89 -18.46 -13.95 37.89
N SER A 90 -18.09 -12.85 37.23
CA SER A 90 -18.19 -12.73 35.76
C SER A 90 -16.99 -12.08 35.15
N ALA A 91 -16.68 -12.46 33.92
CA ALA A 91 -15.66 -11.74 33.13
C ALA A 91 -16.15 -11.70 31.70
N GLN A 92 -15.60 -10.78 30.91
CA GLN A 92 -16.01 -10.59 29.56
C GLN A 92 -14.97 -11.18 28.64
N LEU A 93 -15.42 -11.83 27.58
CA LEU A 93 -14.50 -12.24 26.50
C LEU A 93 -14.70 -11.35 25.31
N GLY A 94 -13.65 -10.67 24.87
CA GLY A 94 -13.71 -9.92 23.61
C GLY A 94 -13.01 -10.76 22.56
N VAL A 95 -13.51 -10.72 21.34
CA VAL A 95 -12.89 -11.50 20.28
C VAL A 95 -12.37 -10.50 19.24
N GLN A 96 -11.06 -10.59 18.94
CA GLN A 96 -10.38 -9.74 17.96
C GLN A 96 -10.32 -10.41 16.61
N ALA A 97 -10.81 -9.69 15.60
CA ALA A 97 -10.82 -10.14 14.22
C ALA A 97 -9.58 -9.51 13.56
N PRO A 98 -8.92 -10.24 12.64
CA PRO A 98 -7.72 -9.65 11.96
C PRO A 98 -8.13 -8.53 10.97
N PRO A 99 -7.16 -7.71 10.49
CA PRO A 99 -7.50 -6.64 9.55
C PRO A 99 -7.98 -7.24 8.24
N ARG A 100 -8.86 -6.54 7.53
CA ARG A 100 -9.28 -7.02 6.24
C ARG A 100 -9.51 -5.80 5.38
N PHE A 101 -9.09 -5.86 4.14
CA PHE A 101 -9.18 -4.69 3.28
C PHE A 101 -10.56 -4.54 2.69
N ILE A 102 -11.32 -3.58 3.20
CA ILE A 102 -12.59 -3.27 2.60
C ILE A 102 -12.36 -2.69 1.19
N LYS A 103 -11.39 -1.78 1.08
CA LYS A 103 -11.07 -1.20 -0.23
C LYS A 103 -9.57 -1.35 -0.45
N LYS A 104 -9.22 -2.09 -1.50
CA LYS A 104 -7.84 -2.37 -1.90
C LYS A 104 -7.25 -1.32 -2.85
N LEU A 105 -5.93 -1.32 -2.99
CA LEU A 105 -5.25 -0.51 -4.00
C LEU A 105 -5.46 -1.09 -5.41
N GLU A 106 -5.53 -0.22 -6.42
CA GLU A 106 -5.50 -0.68 -7.81
C GLU A 106 -4.12 -1.25 -8.18
N PRO A 107 -4.04 -2.12 -9.20
CA PRO A 107 -2.83 -2.88 -9.53
C PRO A 107 -1.61 -2.04 -9.95
N SER A 108 -1.83 -0.97 -10.72
CA SER A 108 -0.73 -0.19 -11.25
C SER A 108 -1.08 1.23 -11.66
N ARG A 109 -0.04 2.05 -11.77
CA ARG A 109 -0.17 3.45 -12.17
C ARG A 109 1.11 3.92 -12.87
N ILE A 110 0.93 4.79 -13.87
CA ILE A 110 2.03 5.52 -14.48
C ILE A 110 1.84 7.00 -14.17
N VAL A 111 2.88 7.64 -13.65
CA VAL A 111 2.78 9.04 -13.23
C VAL A 111 3.97 9.79 -13.81
N LYS A 112 3.83 11.11 -14.04
CA LYS A 112 4.91 11.88 -14.62
C LYS A 112 5.87 12.37 -13.52
N GLN A 113 7.16 12.45 -13.84
CA GLN A 113 8.13 13.01 -12.91
C GLN A 113 7.64 14.38 -12.44
N ASP A 114 7.84 14.66 -11.13
CA ASP A 114 7.47 15.94 -10.49
C ASP A 114 6.01 16.01 -10.02
N GLU A 115 5.19 15.07 -10.45
CA GLU A 115 3.77 15.04 -10.06
C GLU A 115 3.58 14.47 -8.65
N HIS A 116 2.37 14.63 -8.13
CA HIS A 116 1.99 13.91 -6.91
C HIS A 116 0.98 12.81 -7.20
N THR A 117 0.90 11.83 -6.31
CA THR A 117 -0.07 10.76 -6.45
C THR A 117 -0.56 10.42 -5.03
N ARG A 118 -1.77 9.90 -4.95
CA ARG A 118 -2.38 9.63 -3.68
C ARG A 118 -2.91 8.21 -3.68
N TYR A 119 -2.51 7.41 -2.68
CA TYR A 119 -3.06 6.07 -2.50
C TYR A 119 -3.99 6.00 -1.30
N GLU A 120 -5.15 5.37 -1.49
CA GLU A 120 -6.14 5.24 -0.44
C GLU A 120 -6.67 3.82 -0.29
N CYS A 121 -6.61 3.32 0.95
CA CYS A 121 -7.14 2.01 1.38
C CYS A 121 -8.18 2.16 2.46
N LYS A 122 -9.11 1.21 2.50
CA LYS A 122 -10.06 1.13 3.61
C LYS A 122 -9.93 -0.24 4.28
N ILE A 123 -9.78 -0.19 5.61
CA ILE A 123 -9.41 -1.37 6.38
C ILE A 123 -10.43 -1.56 7.53
N GLY A 124 -10.86 -2.80 7.75
CA GLY A 124 -11.71 -3.17 8.88
C GLY A 124 -10.98 -4.16 9.76
N GLY A 125 -11.64 -4.57 10.85
CA GLY A 125 -11.06 -5.48 11.83
C GLY A 125 -11.09 -4.83 13.21
N SER A 126 -10.65 -5.56 14.22
CA SER A 126 -10.63 -5.06 15.58
C SER A 126 -9.47 -4.09 15.81
N PRO A 127 -9.71 -2.99 16.54
CA PRO A 127 -8.71 -2.02 16.97
C PRO A 127 -7.78 -2.57 18.04
N GLU A 128 -6.58 -2.00 18.18
CA GLU A 128 -6.05 -0.98 17.30
C GLU A 128 -5.37 -1.66 16.13
N ILE A 129 -5.66 -1.15 14.94
CA ILE A 129 -5.03 -1.57 13.71
C ILE A 129 -3.90 -0.59 13.46
N LYS A 130 -2.74 -1.14 13.19
CA LYS A 130 -1.60 -0.30 12.91
C LYS A 130 -1.32 -0.43 11.42
N VAL A 131 -1.20 0.70 10.71
CA VAL A 131 -0.89 0.69 9.26
C VAL A 131 0.55 1.17 8.95
N LEU A 132 1.26 0.43 8.11
CA LEU A 132 2.59 0.86 7.63
C LEU A 132 2.60 0.67 6.12
N TRP A 133 3.29 1.57 5.44
CA TRP A 133 3.48 1.46 3.99
C TRP A 133 4.92 1.09 3.68
N TYR A 134 5.11 0.37 2.59
CA TYR A 134 6.43 -0.19 2.23
C TYR A 134 6.70 0.12 0.77
N LYS A 135 7.94 0.44 0.45
CA LYS A 135 8.32 0.60 -0.98
C LYS A 135 9.37 -0.43 -1.29
N ASP A 136 9.03 -1.38 -2.16
CA ASP A 136 9.92 -2.49 -2.49
C ASP A 136 10.41 -3.16 -1.22
N GLU A 137 9.48 -3.38 -0.27
CA GLU A 137 9.78 -4.04 1.00
C GLU A 137 10.45 -3.18 2.11
N THR A 138 10.87 -1.95 1.81
CA THR A 138 11.39 -0.99 2.80
C THR A 138 10.25 -0.08 3.34
N GLU A 139 10.13 0.03 4.66
CA GLU A 139 9.13 0.87 5.32
C GLU A 139 9.23 2.35 4.92
N ILE A 140 8.14 2.91 4.41
CA ILE A 140 8.20 4.32 4.03
C ILE A 140 8.20 5.19 5.30
N GLN A 141 9.11 6.14 5.43
CA GLN A 141 9.09 7.06 6.60
C GLN A 141 8.30 8.31 6.31
N GLU A 142 7.48 8.75 7.28
CA GLU A 142 6.75 10.02 7.18
C GLU A 142 7.69 11.19 6.87
N SER A 143 7.30 12.05 5.91
CA SER A 143 8.10 13.22 5.53
C SER A 143 7.26 14.16 4.68
N SER A 144 7.84 15.32 4.32
CA SER A 144 7.19 16.26 3.40
C SER A 144 6.88 15.59 2.07
N LYS A 145 7.68 14.60 1.65
CA LYS A 145 7.46 13.90 0.39
C LYS A 145 6.49 12.71 0.46
N PHE A 146 6.46 12.03 1.62
CA PHE A 146 5.59 10.87 1.82
C PHE A 146 4.68 11.11 3.02
N ARG A 147 3.46 11.58 2.77
CA ARG A 147 2.56 11.94 3.83
C ARG A 147 1.53 10.83 4.06
N MET A 148 1.47 10.33 5.28
CA MET A 148 0.65 9.17 5.60
C MET A 148 -0.32 9.50 6.74
N SER A 149 -1.46 8.85 6.70
CA SER A 149 -2.43 9.01 7.75
C SER A 149 -3.30 7.75 7.78
N PHE A 150 -3.94 7.55 8.92
CA PHE A 150 -4.90 6.47 9.07
C PHE A 150 -5.97 6.96 10.02
N VAL A 151 -7.10 7.42 9.45
CA VAL A 151 -8.18 8.08 10.18
C VAL A 151 -9.50 7.39 9.81
N GLU A 152 -10.28 7.02 10.82
CA GLU A 152 -11.63 6.51 10.56
C GLU A 152 -11.60 5.39 9.52
N SER A 153 -10.67 4.45 9.70
CA SER A 153 -10.49 3.27 8.82
C SER A 153 -9.88 3.51 7.44
N VAL A 154 -9.52 4.77 7.14
CA VAL A 154 -8.95 5.12 5.84
C VAL A 154 -7.44 5.36 5.85
N ALA A 155 -6.69 4.49 5.19
CA ALA A 155 -5.24 4.61 5.14
C ALA A 155 -4.86 5.34 3.88
N VAL A 156 -4.05 6.39 4.01
CA VAL A 156 -3.70 7.23 2.87
C VAL A 156 -2.18 7.42 2.83
N LEU A 157 -1.60 7.25 1.64
CA LEU A 157 -0.24 7.67 1.36
C LEU A 157 -0.37 8.69 0.21
N GLU A 158 0.08 9.92 0.47
CA GLU A 158 0.23 10.89 -0.59
C GLU A 158 1.70 11.18 -0.82
N MET A 159 2.14 11.08 -2.07
CA MET A 159 3.55 11.24 -2.43
C MET A 159 3.71 12.39 -3.39
N TYR A 160 4.78 13.13 -3.24
CA TYR A 160 4.98 14.39 -3.95
C TYR A 160 6.26 14.34 -4.68
N ASN A 161 6.47 15.26 -5.62
CA ASN A 161 7.79 15.39 -6.27
C ASN A 161 8.31 14.07 -6.77
N LEU A 162 7.42 13.28 -7.36
CA LEU A 162 7.81 11.93 -7.75
C LEU A 162 9.01 11.92 -8.71
N SER A 163 9.89 10.93 -8.54
CA SER A 163 11.04 10.81 -9.41
C SER A 163 11.23 9.36 -9.88
N VAL A 164 12.16 9.11 -10.81
CA VAL A 164 12.28 7.75 -11.37
C VAL A 164 12.62 6.67 -10.32
N GLU A 165 13.45 7.03 -9.33
CA GLU A 165 13.79 6.08 -8.24
C GLU A 165 12.53 5.72 -7.38
N ASP A 166 11.42 6.43 -7.58
CA ASP A 166 10.16 6.13 -6.82
C ASP A 166 9.32 5.02 -7.47
N SER A 167 9.70 4.64 -8.68
CA SER A 167 9.01 3.51 -9.31
C SER A 167 9.26 2.26 -8.50
N GLY A 168 8.21 1.48 -8.32
CA GLY A 168 8.39 0.18 -7.67
C GLY A 168 7.09 -0.28 -7.09
N ASP A 169 7.18 -1.26 -6.17
CA ASP A 169 6.01 -1.84 -5.52
C ASP A 169 5.71 -1.15 -4.19
N TYR A 170 4.49 -0.66 -4.04
CA TYR A 170 4.04 -0.02 -2.82
C TYR A 170 3.03 -0.92 -2.14
N THR A 171 3.25 -1.22 -0.87
CA THR A 171 2.37 -2.10 -0.09
C THR A 171 1.83 -1.36 1.13
N CYS A 172 0.52 -1.42 1.30
CA CYS A 172 -0.10 -1.03 2.56
C CYS A 172 -0.38 -2.30 3.37
N GLU A 173 0.22 -2.40 4.56
CA GLU A 173 0.03 -3.55 5.43
C GLU A 173 -0.61 -3.09 6.77
N ALA A 174 -1.72 -3.73 7.12
CA ALA A 174 -2.39 -3.52 8.38
C ALA A 174 -2.20 -4.72 9.33
N HIS A 175 -1.92 -4.45 10.59
CA HIS A 175 -1.99 -5.52 11.58
C HIS A 175 -2.61 -5.12 12.91
N ASN A 176 -3.13 -6.11 13.62
CA ASN A 176 -3.61 -5.96 14.99
C ASN A 176 -3.23 -7.22 15.78
N ALA A 177 -3.90 -7.42 16.91
CA ALA A 177 -3.67 -8.56 17.80
C ALA A 177 -3.97 -9.90 17.17
N ALA A 178 -4.78 -9.90 16.10
CA ALA A 178 -5.33 -11.12 15.52
C ALA A 178 -4.69 -11.56 14.22
N GLY A 179 -3.97 -10.64 13.56
CA GLY A 179 -3.21 -10.99 12.38
C GLY A 179 -2.92 -9.75 11.56
N SER A 180 -2.75 -9.93 10.26
CA SER A 180 -2.37 -8.85 9.36
C SER A 180 -2.93 -9.07 7.99
N ALA A 181 -2.96 -7.98 7.21
CA ALA A 181 -3.46 -8.04 5.85
C ALA A 181 -2.68 -7.00 5.06
N SER A 182 -2.52 -7.24 3.75
CA SER A 182 -1.79 -6.29 2.91
C SER A 182 -2.44 -6.11 1.56
N SER A 183 -2.24 -4.93 1.00
CA SER A 183 -2.65 -4.62 -0.36
C SER A 183 -1.46 -3.89 -1.07
N SER A 184 -1.09 -4.36 -2.26
CA SER A 184 0.06 -3.78 -3.00
C SER A 184 -0.31 -3.21 -4.35
N THR A 185 0.58 -2.39 -4.89
CA THR A 185 0.38 -1.76 -6.17
C THR A 185 1.74 -1.52 -6.83
N SER A 186 1.71 -1.32 -8.14
CA SER A 186 2.94 -1.09 -8.89
C SER A 186 2.91 0.31 -9.47
N LEU A 187 3.94 1.10 -9.17
CA LEU A 187 4.03 2.46 -9.63
C LEU A 187 5.19 2.62 -10.60
N LYS A 188 4.95 3.34 -11.71
CA LYS A 188 6.01 3.63 -12.64
C LYS A 188 6.07 5.13 -12.78
N VAL A 189 7.25 5.70 -12.51
CA VAL A 189 7.44 7.14 -12.69
C VAL A 189 8.30 7.41 -13.93
N LYS A 190 7.73 8.15 -14.90
CA LYS A 190 8.46 8.50 -16.15
C LYS A 190 8.69 9.99 -16.33
N GLU A 191 9.87 10.36 -16.83
CA GLU A 191 10.20 11.74 -17.15
C GLU A 191 9.72 12.05 -18.57
N PRO A 192 9.14 13.23 -18.77
CA PRO A 192 8.76 13.64 -20.11
C PRO A 192 10.01 13.96 -20.96
N PRO A 193 9.86 13.99 -22.29
CA PRO A 193 10.99 14.42 -23.12
C PRO A 193 11.25 15.90 -22.93
N VAL A 194 12.52 16.26 -22.81
CA VAL A 194 12.94 17.66 -22.81
C VAL A 194 14.20 17.78 -23.68
N PHE A 195 14.16 18.71 -24.64
CA PHE A 195 15.34 19.18 -25.36
C PHE A 195 15.81 20.44 -24.67
N ARG A 196 16.81 20.34 -23.83
CA ARG A 196 17.15 21.49 -22.99
C ARG A 196 18.13 22.48 -23.67
N LYS A 197 18.88 22.00 -24.66
CA LYS A 197 19.87 22.86 -25.33
C LYS A 197 19.42 23.14 -26.72
N LYS A 198 19.34 24.43 -27.09
CA LYS A 198 19.00 24.82 -28.47
C LYS A 198 20.27 24.79 -29.35
N PRO A 199 20.27 23.96 -30.42
CA PRO A 199 21.49 23.78 -31.23
C PRO A 199 21.90 25.08 -31.89
N HIS A 200 23.20 25.37 -31.99
CA HIS A 200 23.63 26.58 -32.73
C HIS A 200 23.25 26.33 -34.17
N PRO A 201 23.01 27.41 -34.96
CA PRO A 201 22.81 27.16 -36.40
C PRO A 201 23.98 26.44 -37.04
N VAL A 202 23.71 25.63 -38.06
CA VAL A 202 24.79 24.94 -38.79
C VAL A 202 24.97 25.45 -40.21
N GLU A 203 26.16 25.96 -40.51
CA GLU A 203 26.51 26.48 -41.81
C GLU A 203 27.07 25.39 -42.75
N THR A 204 26.60 25.43 -43.99
CA THR A 204 27.03 24.47 -44.98
C THR A 204 27.27 25.15 -46.33
N LEU A 205 27.82 24.39 -47.27
CA LEU A 205 27.96 24.80 -48.65
C LEU A 205 26.97 24.01 -49.47
N LYS A 206 26.64 24.53 -50.66
CA LYS A 206 25.89 23.74 -51.64
C LYS A 206 26.64 22.48 -52.04
N GLY A 207 25.88 21.40 -52.20
CA GLY A 207 26.46 20.10 -52.55
C GLY A 207 27.07 19.33 -51.38
N ALA A 208 27.24 19.98 -50.24
CA ALA A 208 27.78 19.30 -49.08
C ALA A 208 26.67 18.59 -48.31
N ASP A 209 27.08 17.84 -47.29
CA ASP A 209 26.20 17.20 -46.32
C ASP A 209 26.34 17.92 -44.98
N VAL A 210 25.27 17.98 -44.20
CA VAL A 210 25.28 18.74 -42.97
C VAL A 210 24.50 17.96 -41.92
N HIS A 211 25.00 18.04 -40.68
CA HIS A 211 24.49 17.29 -39.55
C HIS A 211 23.91 18.27 -38.53
N LEU A 212 22.68 17.98 -38.08
CA LEU A 212 21.96 18.75 -37.10
C LEU A 212 21.50 17.79 -36.02
N GLU A 213 21.77 18.12 -34.76
CA GLU A 213 21.43 17.21 -33.66
C GLU A 213 20.80 17.91 -32.47
N CYS A 214 19.95 17.18 -31.77
CA CYS A 214 19.31 17.67 -30.57
C CYS A 214 19.55 16.69 -29.43
N GLU A 215 20.08 17.18 -28.32
CA GLU A 215 20.26 16.40 -27.09
C GLU A 215 18.95 16.28 -26.31
N LEU A 216 18.63 15.06 -25.91
CA LEU A 216 17.30 14.76 -25.41
C LEU A 216 17.42 14.17 -23.99
N GLN A 217 16.46 14.49 -23.13
CA GLN A 217 16.40 13.94 -21.76
C GLN A 217 15.00 13.38 -21.58
N GLY A 218 14.84 12.50 -20.61
CA GLY A 218 13.53 11.92 -20.30
C GLY A 218 13.60 10.41 -20.32
N THR A 219 12.45 9.77 -20.16
CA THR A 219 12.37 8.31 -20.10
C THR A 219 12.09 7.74 -21.50
N PRO A 220 13.06 6.99 -22.06
CA PRO A 220 12.88 6.42 -23.38
C PRO A 220 12.07 5.13 -23.26
N PRO A 221 11.57 4.59 -24.38
CA PRO A 221 11.78 5.02 -25.76
C PRO A 221 10.94 6.24 -26.14
N PHE A 222 11.36 6.96 -27.17
CA PHE A 222 10.63 8.10 -27.67
C PHE A 222 10.11 7.84 -29.09
N GLN A 223 8.96 8.42 -29.44
CA GLN A 223 8.61 8.54 -30.86
C GLN A 223 9.15 9.88 -31.28
N VAL A 224 9.90 9.89 -32.39
CA VAL A 224 10.58 11.08 -32.88
C VAL A 224 10.19 11.39 -34.34
N SER A 225 9.92 12.65 -34.65
CA SER A 225 9.70 13.05 -36.02
C SER A 225 10.46 14.34 -36.30
N TRP A 226 10.96 14.49 -37.53
CA TRP A 226 11.59 15.73 -38.00
C TRP A 226 10.69 16.40 -39.06
N HIS A 227 10.71 17.73 -39.07
CA HIS A 227 9.86 18.51 -39.95
C HIS A 227 10.59 19.73 -40.43
N LYS A 228 10.09 20.28 -41.51
CA LYS A 228 10.55 21.56 -42.02
C LYS A 228 9.48 21.99 -42.98
N ASP A 229 9.09 23.26 -42.91
CA ASP A 229 8.08 23.82 -43.83
C ASP A 229 6.81 22.96 -43.88
N LYS A 230 6.35 22.50 -42.70
CA LYS A 230 5.11 21.76 -42.54
C LYS A 230 5.10 20.38 -43.19
N ARG A 231 6.29 19.87 -43.52
CA ARG A 231 6.47 18.54 -44.14
C ARG A 231 7.27 17.70 -43.16
N GLU A 232 6.82 16.47 -42.89
CA GLU A 232 7.63 15.51 -42.14
C GLU A 232 8.77 14.99 -43.03
N LEU A 233 9.98 14.96 -42.47
CA LEU A 233 11.18 14.56 -43.18
C LEU A 233 11.51 13.12 -42.80
N ARG A 234 11.77 12.27 -43.77
CA ARG A 234 11.96 10.86 -43.47
C ARG A 234 13.24 10.30 -44.06
N SER A 235 13.73 9.22 -43.46
CA SER A 235 14.97 8.62 -43.88
C SER A 235 14.82 8.13 -45.31
N GLY A 236 15.88 8.33 -46.08
CA GLY A 236 15.91 7.89 -47.45
C GLY A 236 17.21 8.29 -48.10
N LYS A 237 17.10 8.74 -49.33
CA LYS A 237 18.21 9.21 -50.12
C LYS A 237 18.58 10.67 -49.85
N LYS A 238 17.71 11.44 -49.19
CA LYS A 238 17.97 12.89 -48.92
C LYS A 238 18.36 13.15 -47.45
N TYR A 239 17.70 12.41 -46.54
CA TYR A 239 17.89 12.55 -45.11
C TYR A 239 18.25 11.18 -44.49
N LYS A 240 19.26 11.18 -43.62
CA LYS A 240 19.53 10.05 -42.75
C LYS A 240 19.26 10.52 -41.32
N ILE A 241 18.28 9.90 -40.68
CA ILE A 241 17.77 10.28 -39.36
C ILE A 241 18.20 9.23 -38.37
N MET A 242 18.83 9.65 -37.28
CA MET A 242 19.24 8.78 -36.17
C MET A 242 18.42 9.18 -34.97
N SER A 243 17.73 8.24 -34.34
CA SER A 243 17.09 8.48 -33.05
C SER A 243 17.60 7.50 -32.03
N GLU A 244 18.43 8.02 -31.13
CA GLU A 244 18.95 7.24 -30.03
C GLU A 244 18.22 7.72 -28.78
N ASN A 245 18.36 6.97 -27.68
CA ASN A 245 17.68 7.34 -26.43
C ASN A 245 17.85 8.82 -26.11
N PHE A 246 19.09 9.32 -26.15
CA PHE A 246 19.31 10.72 -25.71
C PHE A 246 19.89 11.67 -26.71
N LEU A 247 19.77 11.33 -28.00
CA LEU A 247 20.26 12.18 -29.07
C LEU A 247 19.50 11.86 -30.34
N THR A 248 18.83 12.87 -30.89
CA THR A 248 18.16 12.73 -32.19
C THR A 248 18.95 13.59 -33.20
N SER A 249 19.21 13.08 -34.41
CA SER A 249 19.87 13.87 -35.42
C SER A 249 19.34 13.63 -36.83
N ILE A 250 19.48 14.65 -37.67
CA ILE A 250 19.19 14.54 -39.10
C ILE A 250 20.46 14.92 -39.89
N HIS A 251 20.77 14.12 -40.89
CA HIS A 251 21.92 14.32 -41.75
C HIS A 251 21.29 14.59 -43.12
N ILE A 252 21.50 15.81 -43.61
CA ILE A 252 20.91 16.27 -44.85
C ILE A 252 21.98 16.15 -45.91
N LEU A 253 21.71 15.34 -46.94
CA LEU A 253 22.67 15.14 -48.03
C LEU A 253 22.45 16.10 -49.17
N ASN A 254 23.55 16.36 -49.90
CA ASN A 254 23.48 17.12 -51.13
C ASN A 254 22.72 18.43 -50.96
N VAL A 255 23.24 19.32 -50.13
CA VAL A 255 22.48 20.54 -49.79
C VAL A 255 22.22 21.41 -51.00
N ASP A 256 20.94 21.80 -51.14
CA ASP A 256 20.54 22.88 -52.05
C ASP A 256 19.79 24.01 -51.33
N SER A 257 19.48 25.07 -52.08
CA SER A 257 18.79 26.23 -51.48
C SER A 257 17.62 25.84 -50.60
N ALA A 258 16.86 24.85 -51.04
CA ALA A 258 15.65 24.44 -50.33
C ALA A 258 15.90 23.88 -48.94
N ASP A 259 17.12 23.45 -48.66
CA ASP A 259 17.46 22.87 -47.35
C ASP A 259 17.76 23.90 -46.25
N ILE A 260 17.90 25.14 -46.66
CA ILE A 260 18.34 26.21 -45.77
C ILE A 260 17.10 26.73 -45.02
N GLY A 261 17.16 26.81 -43.70
CA GLY A 261 16.03 27.27 -42.91
C GLY A 261 15.88 26.51 -41.61
N GLU A 262 14.70 26.58 -41.02
CA GLU A 262 14.44 25.98 -39.70
C GLU A 262 13.90 24.53 -39.80
N TYR A 263 14.37 23.68 -38.88
CA TYR A 263 14.05 22.26 -38.77
C TYR A 263 13.48 22.07 -37.37
N GLN A 264 12.45 21.24 -37.22
CA GLN A 264 11.86 20.97 -35.89
C GLN A 264 11.93 19.49 -35.67
N CYS A 265 12.43 19.08 -34.50
CA CYS A 265 12.41 17.70 -34.07
C CYS A 265 11.43 17.57 -32.90
N LYS A 266 10.41 16.76 -33.07
CA LYS A 266 9.46 16.53 -32.01
C LYS A 266 9.66 15.17 -31.37
N ALA A 267 9.75 15.11 -30.04
CA ALA A 267 9.86 13.81 -29.38
C ALA A 267 8.76 13.63 -28.36
N SER A 268 8.23 12.42 -28.28
CA SER A 268 7.18 12.16 -27.31
C SER A 268 7.32 10.82 -26.66
N ASN A 269 6.82 10.72 -25.44
CA ASN A 269 6.58 9.44 -24.79
C ASN A 269 5.21 9.51 -24.13
N ASP A 270 4.92 8.57 -23.23
CA ASP A 270 3.63 8.44 -22.53
C ASP A 270 3.25 9.64 -21.70
N VAL A 271 4.25 10.40 -21.27
CA VAL A 271 4.00 11.40 -20.25
C VAL A 271 4.24 12.83 -20.77
N GLY A 272 4.74 12.98 -22.00
CA GLY A 272 4.74 14.31 -22.60
C GLY A 272 5.39 14.36 -23.97
N SER A 273 5.54 15.56 -24.51
CA SER A 273 6.35 15.78 -25.71
C SER A 273 7.07 17.09 -25.63
N TYR A 274 8.06 17.26 -26.52
CA TYR A 274 8.83 18.47 -26.60
C TYR A 274 9.32 18.59 -28.01
N THR A 275 9.57 19.82 -28.42
CA THR A 275 10.04 20.13 -29.77
C THR A 275 11.35 20.90 -29.73
N CYS A 276 12.35 20.41 -30.45
CA CYS A 276 13.65 21.07 -30.63
C CYS A 276 13.63 21.83 -31.96
N VAL A 277 14.14 23.08 -31.97
CA VAL A 277 14.28 23.87 -33.19
C VAL A 277 15.77 24.11 -33.48
N GLY A 278 16.20 23.77 -34.70
CA GLY A 278 17.57 24.05 -35.16
C GLY A 278 17.50 24.62 -36.57
N SER A 279 18.55 25.30 -37.00
CA SER A 279 18.59 25.83 -38.33
C SER A 279 19.82 25.50 -39.11
N ILE A 280 19.66 25.37 -40.42
CA ILE A 280 20.77 25.28 -41.37
C ILE A 280 20.91 26.56 -42.23
N THR A 281 22.10 27.13 -42.29
CA THR A 281 22.40 28.34 -43.05
C THR A 281 23.40 28.07 -44.17
N LEU A 282 23.50 28.93 -45.20
CA LEU A 282 24.34 28.62 -46.33
C LEU A 282 25.48 29.61 -46.38
N LYS A 283 26.65 29.14 -46.81
CA LYS A 283 27.73 30.01 -47.23
C LYS A 283 27.83 30.03 -48.77
N ALA A 284 27.83 31.23 -49.32
CA ALA A 284 28.04 31.49 -50.76
C ALA A 284 26.88 31.05 -51.70
#